data_1L8J
#
_entry.id   1L8J
#
_cell.length_a   69.710
_cell.length_b   69.710
_cell.length_c   96.210
_cell.angle_alpha   90.00
_cell.angle_beta   90.00
_cell.angle_gamma   120.00
#
_symmetry.space_group_name_H-M   'P 31 2 1'
#
loop_
_entity.id
_entity.type
_entity.pdbx_description
1 polymer 'Endothelial protein C receptor'
2 branched 2-acetamido-2-deoxy-beta-D-glucopyranose-(1-4)-2-acetamido-2-deoxy-beta-D-glucopyranose
3 branched 2-acetamido-2-deoxy-alpha-D-glucopyranose-(1-4)-2-acetamido-2-deoxy-beta-D-glucopyranose
4 non-polymer PHOSPHATIDYLETHANOLAMINE
5 water water
#
_entity_poly.entity_id   1
_entity_poly.type   'polypeptide(L)'
_entity_poly.pdbx_seq_one_letter_code
;SQDASDGLQRLHMLQISYFRDPYHVWYQGNASLGGHLTHVLEGPDTNTTIIQLQPLQEPESWARTQSGLQSYLLQFHGLV
RLVHQERTLAFPLTIRCFLGCELPPEGSRAHVFFEVAVNGSSFVSFRPERALWQADTQVTSGVVTFTLQQLNAYNRTRYE
LREFLEDTCVQYVQKHISAENTKGSQTSRSYTS
;
_entity_poly.pdbx_strand_id   A
#
loop_
_chem_comp.id
_chem_comp.type
_chem_comp.name
_chem_comp.formula
NAG D-saccharide, beta linking 2-acetamido-2-deoxy-beta-D-glucopyranose 'C8 H15 N O6'
NDG D-saccharide, alpha linking 2-acetamido-2-deoxy-alpha-D-glucopyranose 'C8 H15 N O6'
PTY non-polymer PHOSPHATIDYLETHANOLAMINE 'C40 H80 N O8 P'
#
# COMPACT_ATOMS: atom_id res chain seq x y z
N LEU A 8 -14.83 -8.33 -14.24
CA LEU A 8 -13.64 -7.80 -13.52
C LEU A 8 -13.48 -8.41 -12.11
N GLN A 9 -12.71 -9.49 -12.02
CA GLN A 9 -12.45 -10.13 -10.76
C GLN A 9 -11.20 -9.45 -10.25
N ARG A 10 -11.37 -8.54 -9.31
CA ARG A 10 -10.24 -7.79 -8.80
C ARG A 10 -10.52 -7.15 -7.46
N LEU A 11 -9.45 -6.74 -6.82
CA LEU A 11 -9.52 -6.00 -5.58
C LEU A 11 -8.52 -4.86 -5.78
N HIS A 12 -9.01 -3.62 -5.77
CA HIS A 12 -8.13 -2.46 -5.89
C HIS A 12 -8.19 -1.72 -4.56
N MET A 13 -7.03 -1.19 -4.12
CA MET A 13 -6.90 -0.45 -2.86
C MET A 13 -6.19 0.87 -3.12
N LEU A 14 -6.71 1.93 -2.51
CA LEU A 14 -6.12 3.27 -2.67
C LEU A 14 -5.87 3.81 -1.28
N GLN A 15 -4.67 4.34 -1.05
CA GLN A 15 -4.33 4.92 0.23
C GLN A 15 -3.68 6.25 -0.03
N ILE A 16 -4.27 7.31 0.54
CA ILE A 16 -3.68 8.63 0.38
C ILE A 16 -3.21 9.08 1.77
N SER A 17 -1.94 9.43 1.88
CA SER A 17 -1.40 9.81 3.16
C SER A 17 -0.84 11.22 3.14
N TYR A 18 -1.45 12.06 3.96
CA TYR A 18 -1.06 13.45 4.10
C TYR A 18 -0.24 13.68 5.37
N PHE A 19 1.06 14.05 5.12
CA PHE A 19 2.02 14.36 6.16
C PHE A 19 2.32 15.84 6.15
N ARG A 20 1.95 16.40 7.26
CA ARG A 20 2.12 17.77 7.52
C ARG A 20 3.53 17.93 8.07
N ASP A 21 4.01 16.88 8.73
CA ASP A 21 5.40 16.75 9.19
C ASP A 21 5.65 15.27 9.48
N PRO A 22 6.86 14.85 9.86
CA PRO A 22 7.13 13.42 10.10
C PRO A 22 6.25 12.74 11.11
N TYR A 23 5.73 13.53 12.03
CA TYR A 23 4.97 13.01 13.16
C TYR A 23 3.47 13.17 13.15
N HIS A 24 2.94 13.62 12.02
CA HIS A 24 1.50 13.78 11.87
C HIS A 24 1.08 13.32 10.48
N VAL A 25 0.25 12.30 10.41
CA VAL A 25 -0.22 11.84 9.13
C VAL A 25 -1.74 11.65 9.21
N TRP A 26 -2.42 12.01 8.12
CA TRP A 26 -3.87 11.91 8.02
C TRP A 26 -4.16 10.95 6.86
N TYR A 27 -4.84 9.85 7.15
CA TYR A 27 -5.13 8.86 6.11
C TYR A 27 -6.56 8.88 5.53
N GLN A 28 -6.64 8.67 4.23
CA GLN A 28 -7.89 8.59 3.49
C GLN A 28 -7.73 7.42 2.49
N GLY A 29 -8.43 6.31 2.70
CA GLY A 29 -8.29 5.20 1.77
C GLY A 29 -9.58 4.42 1.56
N ASN A 30 -9.57 3.51 0.60
CA ASN A 30 -10.74 2.70 0.33
C ASN A 30 -10.34 1.60 -0.64
N ALA A 31 -11.11 0.51 -0.61
CA ALA A 31 -10.88 -0.61 -1.50
C ALA A 31 -12.19 -0.93 -2.19
N SER A 32 -12.08 -1.46 -3.42
CA SER A 32 -13.24 -1.86 -4.22
C SER A 32 -13.01 -3.25 -4.75
N LEU A 33 -14.03 -4.10 -4.60
CA LEU A 33 -13.94 -5.50 -5.04
C LEU A 33 -14.91 -5.62 -6.21
N GLY A 34 -14.43 -6.14 -7.34
CA GLY A 34 -15.31 -6.26 -8.50
C GLY A 34 -15.92 -4.92 -8.93
N GLY A 35 -15.22 -3.82 -8.63
CA GLY A 35 -15.73 -2.52 -9.05
C GLY A 35 -16.69 -1.87 -8.04
N HIS A 36 -16.94 -2.53 -6.90
CA HIS A 36 -17.80 -2.00 -5.86
C HIS A 36 -17.06 -1.64 -4.57
N LEU A 37 -17.34 -0.46 -4.04
CA LEU A 37 -16.71 -0.04 -2.80
C LEU A 37 -17.00 -1.04 -1.69
N THR A 38 -15.96 -1.47 -1.01
CA THR A 38 -16.09 -2.48 0.03
C THR A 38 -15.38 -2.15 1.31
N HIS A 39 -14.44 -1.21 1.26
CA HIS A 39 -13.70 -0.86 2.47
C HIS A 39 -13.36 0.62 2.55
N VAL A 40 -13.10 1.06 3.77
CA VAL A 40 -12.71 2.42 4.01
C VAL A 40 -11.61 2.54 5.07
N LEU A 41 -10.68 3.46 4.82
CA LEU A 41 -9.59 3.78 5.69
C LEU A 41 -9.77 5.29 5.96
N GLU A 42 -9.73 5.70 7.21
CA GLU A 42 -9.93 7.13 7.48
C GLU A 42 -9.44 7.53 8.86
N GLY A 43 -8.87 8.72 8.93
CA GLY A 43 -8.42 9.23 10.21
C GLY A 43 -6.95 9.55 10.36
N PRO A 44 -6.61 10.30 11.43
CA PRO A 44 -5.23 10.68 11.73
C PRO A 44 -4.55 9.41 12.24
N ASP A 45 -3.23 9.42 12.22
CA ASP A 45 -2.42 8.29 12.69
C ASP A 45 -2.80 7.83 14.09
N THR A 46 -3.26 8.76 14.92
CA THR A 46 -3.60 8.44 16.31
C THR A 46 -4.91 7.72 16.47
N ASN A 47 -5.72 7.68 15.43
CA ASN A 47 -7.00 6.98 15.55
C ASN A 47 -7.53 6.69 14.17
N THR A 48 -7.04 5.60 13.57
CA THR A 48 -7.46 5.23 12.22
C THR A 48 -8.70 4.35 12.23
N THR A 49 -9.64 4.61 11.35
CA THR A 49 -10.83 3.76 11.24
C THR A 49 -10.56 2.88 10.03
N ILE A 50 -10.76 1.58 10.18
CA ILE A 50 -10.55 0.64 9.09
C ILE A 50 -11.75 -0.26 9.20
N ILE A 51 -12.60 -0.23 8.19
CA ILE A 51 -13.81 -1.00 8.25
C ILE A 51 -14.23 -1.65 6.93
N GLN A 52 -14.96 -2.76 7.03
CA GLN A 52 -15.48 -3.38 5.82
C GLN A 52 -16.90 -2.82 5.72
N LEU A 53 -17.21 -2.28 4.56
CA LEU A 53 -18.52 -1.71 4.30
C LEU A 53 -19.57 -2.81 4.16
N GLN A 54 -19.09 -4.03 3.96
CA GLN A 54 -19.92 -5.23 3.80
C GLN A 54 -19.23 -6.25 4.69
N PRO A 55 -19.99 -7.12 5.39
CA PRO A 55 -19.30 -8.10 6.25
C PRO A 55 -18.80 -9.31 5.43
N LEU A 56 -17.93 -9.04 4.46
CA LEU A 56 -17.39 -10.11 3.64
C LEU A 56 -16.67 -11.12 4.51
N GLN A 57 -15.89 -10.65 5.49
CA GLN A 57 -15.18 -11.56 6.37
C GLN A 57 -15.86 -11.61 7.74
N GLU A 58 -15.82 -12.80 8.34
CA GLU A 58 -16.36 -13.02 9.67
C GLU A 58 -15.53 -12.21 10.64
N PRO A 59 -16.06 -11.93 11.84
CA PRO A 59 -15.36 -11.15 12.85
C PRO A 59 -13.91 -11.48 13.16
N GLU A 60 -13.60 -12.76 13.38
CA GLU A 60 -12.22 -13.10 13.70
C GLU A 60 -11.32 -12.90 12.49
N SER A 61 -11.80 -13.33 11.33
CA SER A 61 -11.03 -13.18 10.10
C SER A 61 -10.73 -11.69 9.89
N TRP A 62 -11.79 -10.88 9.94
CA TRP A 62 -11.68 -9.44 9.78
C TRP A 62 -10.72 -8.84 10.78
N ALA A 63 -10.75 -9.34 12.01
CA ALA A 63 -9.89 -8.84 13.06
C ALA A 63 -8.41 -9.06 12.72
N ARG A 64 -8.11 -10.19 12.08
CA ARG A 64 -6.73 -10.44 11.71
C ARG A 64 -6.29 -9.56 10.54
N THR A 65 -7.19 -9.35 9.58
CA THR A 65 -6.85 -8.53 8.40
C THR A 65 -6.65 -7.09 8.85
N GLN A 66 -7.51 -6.65 9.77
CA GLN A 66 -7.44 -5.30 10.30
C GLN A 66 -6.09 -5.09 10.98
N SER A 67 -5.69 -6.08 11.79
CA SER A 67 -4.42 -6.01 12.50
C SER A 67 -3.26 -5.87 11.53
N GLY A 68 -3.33 -6.59 10.42
CA GLY A 68 -2.27 -6.53 9.41
C GLY A 68 -2.17 -5.17 8.75
N LEU A 69 -3.32 -4.54 8.51
CA LEU A 69 -3.38 -3.21 7.89
C LEU A 69 -2.77 -2.20 8.86
N GLN A 70 -3.15 -2.32 10.14
CA GLN A 70 -2.62 -1.44 11.17
C GLN A 70 -1.09 -1.52 11.23
N SER A 71 -0.55 -2.74 11.19
CA SER A 71 0.90 -2.95 11.24
C SER A 71 1.57 -2.39 9.99
N TYR A 72 0.85 -2.46 8.87
CA TYR A 72 1.37 -1.92 7.61
C TYR A 72 1.52 -0.42 7.72
N LEU A 73 0.51 0.24 8.27
CA LEU A 73 0.53 1.68 8.38
C LEU A 73 1.66 2.09 9.31
N LEU A 74 1.76 1.39 10.43
CA LEU A 74 2.82 1.69 11.39
C LEU A 74 4.19 1.65 10.71
N GLN A 75 4.48 0.63 9.93
CA GLN A 75 5.78 0.54 9.22
C GLN A 75 5.90 1.54 8.05
N PHE A 76 4.79 1.80 7.37
CA PHE A 76 4.75 2.78 6.28
C PHE A 76 5.21 4.13 6.87
N HIS A 77 4.57 4.53 7.98
CA HIS A 77 4.89 5.78 8.67
C HIS A 77 6.36 5.72 9.15
N GLY A 78 6.74 4.57 9.70
CA GLY A 78 8.13 4.40 10.15
C GLY A 78 9.12 4.65 9.03
N LEU A 79 8.87 4.09 7.85
CA LEU A 79 9.79 4.33 6.74
C LEU A 79 9.86 5.81 6.34
N VAL A 80 8.71 6.48 6.34
CA VAL A 80 8.72 7.89 5.98
C VAL A 80 9.59 8.69 6.99
N ARG A 81 9.49 8.35 8.28
CA ARG A 81 10.26 9.07 9.29
C ARG A 81 11.76 8.78 9.14
N LEU A 82 12.09 7.54 8.75
CA LEU A 82 13.49 7.16 8.55
C LEU A 82 14.10 7.92 7.36
N VAL A 83 13.36 8.02 6.26
CA VAL A 83 13.87 8.71 5.09
C VAL A 83 14.12 10.19 5.43
N HIS A 84 13.26 10.73 6.29
CA HIS A 84 13.39 12.12 6.71
C HIS A 84 14.62 12.26 7.57
N GLN A 85 14.73 11.36 8.53
CA GLN A 85 15.85 11.31 9.46
C GLN A 85 17.17 11.19 8.70
N GLU A 86 17.19 10.38 7.63
CA GLU A 86 18.41 10.16 6.87
C GLU A 86 18.73 11.08 5.70
N ARG A 87 17.71 11.60 5.03
CA ARG A 87 17.93 12.43 3.86
C ARG A 87 17.18 13.75 3.83
N THR A 88 16.33 14.01 4.83
CA THR A 88 15.57 15.25 4.86
C THR A 88 14.53 15.37 3.76
N LEU A 89 13.27 15.36 4.18
CA LEU A 89 12.16 15.48 3.26
C LEU A 89 11.50 16.83 3.45
N ALA A 90 10.95 17.37 2.37
CA ALA A 90 10.27 18.65 2.39
C ALA A 90 8.77 18.44 2.71
N PHE A 91 8.34 18.84 3.90
CA PHE A 91 6.96 18.72 4.33
C PHE A 91 6.24 20.07 4.20
N PRO A 92 4.90 20.06 4.09
CA PRO A 92 4.03 18.89 4.07
C PRO A 92 4.12 18.12 2.76
N LEU A 93 3.70 16.87 2.76
CA LEU A 93 3.74 16.09 1.53
C LEU A 93 2.63 15.06 1.54
N THR A 94 2.23 14.68 0.35
CA THR A 94 1.15 13.73 0.18
C THR A 94 1.64 12.52 -0.58
N ILE A 95 1.34 11.35 -0.04
CA ILE A 95 1.76 10.13 -0.71
C ILE A 95 0.50 9.37 -1.10
N ARG A 96 0.54 8.82 -2.30
CA ARG A 96 -0.58 8.04 -2.80
C ARG A 96 -0.09 6.63 -3.11
N CYS A 97 -0.72 5.62 -2.51
CA CYS A 97 -0.39 4.21 -2.81
C CYS A 97 -1.63 3.58 -3.45
N PHE A 98 -1.47 3.11 -4.69
CA PHE A 98 -2.52 2.46 -5.46
C PHE A 98 -1.99 1.06 -5.74
N LEU A 99 -2.70 0.06 -5.23
CA LEU A 99 -2.27 -1.34 -5.35
C LEU A 99 -3.45 -2.28 -5.47
N GLY A 100 -3.15 -3.54 -5.78
CA GLY A 100 -4.21 -4.53 -5.89
C GLY A 100 -3.87 -5.72 -6.75
N CYS A 101 -4.89 -6.52 -7.05
CA CYS A 101 -4.72 -7.70 -7.88
C CYS A 101 -5.95 -7.87 -8.75
N GLU A 102 -5.74 -8.47 -9.93
CA GLU A 102 -6.81 -8.76 -10.88
C GLU A 102 -6.61 -10.13 -11.52
N LEU A 103 -7.71 -10.82 -11.80
CA LEU A 103 -7.64 -12.10 -12.47
C LEU A 103 -8.07 -11.72 -13.88
N PRO A 104 -7.09 -11.48 -14.78
CA PRO A 104 -7.47 -11.09 -16.14
C PRO A 104 -8.44 -12.09 -16.82
N PRO A 105 -9.46 -11.57 -17.53
CA PRO A 105 -10.50 -12.34 -18.24
C PRO A 105 -9.92 -13.46 -19.10
N GLU A 106 -8.76 -13.20 -19.71
CA GLU A 106 -8.10 -14.20 -20.55
C GLU A 106 -6.69 -14.51 -20.07
N GLY A 107 -6.47 -14.41 -18.76
CA GLY A 107 -5.15 -14.67 -18.22
C GLY A 107 -4.98 -16.03 -17.55
N SER A 108 -3.74 -16.42 -17.37
CA SER A 108 -3.44 -17.69 -16.74
C SER A 108 -2.77 -17.42 -15.41
N ARG A 109 -2.75 -16.14 -15.04
CA ARG A 109 -2.08 -15.70 -13.81
C ARG A 109 -2.61 -14.33 -13.40
N ALA A 110 -2.59 -14.05 -12.10
CA ALA A 110 -3.08 -12.75 -11.61
C ALA A 110 -2.13 -11.61 -11.97
N HIS A 111 -2.67 -10.43 -12.19
CA HIS A 111 -1.85 -9.26 -12.45
C HIS A 111 -1.88 -8.52 -11.11
N VAL A 112 -0.72 -8.16 -10.57
CA VAL A 112 -0.71 -7.45 -9.31
C VAL A 112 0.14 -6.21 -9.43
N PHE A 113 -0.09 -5.21 -8.57
CA PHE A 113 0.66 -3.96 -8.67
C PHE A 113 0.66 -3.16 -7.38
N PHE A 114 1.54 -2.19 -7.29
CA PHE A 114 1.64 -1.31 -6.13
C PHE A 114 2.47 -0.13 -6.64
N GLU A 115 1.80 1.01 -6.83
CA GLU A 115 2.45 2.22 -7.35
C GLU A 115 2.40 3.33 -6.33
N VAL A 116 3.49 4.08 -6.23
CA VAL A 116 3.56 5.15 -5.24
C VAL A 116 3.90 6.48 -5.90
N ALA A 117 3.09 7.49 -5.57
CA ALA A 117 3.25 8.87 -6.07
C ALA A 117 3.45 9.81 -4.88
N VAL A 118 4.26 10.85 -5.05
CA VAL A 118 4.51 11.78 -3.97
C VAL A 118 4.16 13.18 -4.51
N ASN A 119 3.27 13.86 -3.80
CA ASN A 119 2.79 15.17 -4.25
C ASN A 119 2.30 15.07 -5.68
N GLY A 120 1.60 14.00 -6.01
CA GLY A 120 1.04 13.85 -7.34
C GLY A 120 1.96 13.43 -8.48
N SER A 121 3.20 13.12 -8.17
CA SER A 121 4.13 12.70 -9.21
C SER A 121 4.65 11.30 -8.92
N SER A 122 4.87 10.53 -10.00
CA SER A 122 5.39 9.18 -9.91
C SER A 122 6.64 9.20 -9.07
N PHE A 123 6.78 8.24 -8.17
CA PHE A 123 7.94 8.20 -7.28
C PHE A 123 8.56 6.80 -7.43
N VAL A 124 7.90 5.78 -6.88
CA VAL A 124 8.41 4.42 -7.02
C VAL A 124 7.26 3.44 -7.27
N SER A 125 7.57 2.27 -7.81
CA SER A 125 6.58 1.21 -8.03
C SER A 125 7.23 -0.16 -7.79
N PHE A 126 6.40 -1.11 -7.35
CA PHE A 126 6.81 -2.46 -7.03
C PHE A 126 6.71 -3.35 -8.29
N ARG A 127 7.65 -4.29 -8.45
CA ARG A 127 7.64 -5.32 -9.55
C ARG A 127 7.41 -6.47 -8.55
N PRO A 128 6.13 -6.74 -8.23
CA PRO A 128 5.78 -7.77 -7.25
C PRO A 128 6.30 -9.17 -7.32
N GLU A 129 6.34 -9.73 -8.52
CA GLU A 129 6.76 -11.11 -8.70
C GLU A 129 8.20 -11.35 -8.21
N ARG A 130 9.09 -10.38 -8.44
CA ARG A 130 10.48 -10.50 -7.99
C ARG A 130 10.64 -9.78 -6.66
N ALA A 131 9.54 -9.20 -6.18
CA ALA A 131 9.55 -8.45 -4.92
C ALA A 131 10.63 -7.35 -4.92
N LEU A 132 10.72 -6.59 -6.00
CA LEU A 132 11.73 -5.53 -6.06
C LEU A 132 11.06 -4.21 -6.37
N TRP A 133 11.63 -3.13 -5.86
CA TRP A 133 11.09 -1.81 -6.13
C TRP A 133 11.95 -1.06 -7.16
N GLN A 134 11.29 -0.24 -7.98
CA GLN A 134 12.01 0.54 -8.97
C GLN A 134 11.61 2.02 -8.85
N ALA A 135 12.48 2.90 -9.37
CA ALA A 135 12.19 4.31 -9.36
C ALA A 135 11.29 4.57 -10.56
N ASP A 136 10.35 5.50 -10.43
CA ASP A 136 9.49 5.83 -11.56
C ASP A 136 9.78 7.27 -11.94
N THR A 137 10.84 7.81 -11.37
CA THR A 137 11.16 9.18 -11.65
C THR A 137 12.32 9.22 -12.66
N GLN A 138 12.39 10.32 -13.40
CA GLN A 138 13.40 10.48 -14.45
C GLN A 138 14.81 10.74 -13.93
N VAL A 139 14.90 11.38 -12.77
CA VAL A 139 16.21 11.72 -12.21
C VAL A 139 16.46 10.96 -10.91
N THR A 140 17.77 10.79 -10.63
CA THR A 140 18.19 10.13 -9.41
C THR A 140 18.11 11.20 -8.30
N SER A 141 17.84 10.77 -7.07
CA SER A 141 17.78 11.70 -5.97
C SER A 141 18.21 10.97 -4.70
N GLY A 142 18.72 11.71 -3.73
CA GLY A 142 19.12 11.07 -2.50
C GLY A 142 17.90 10.42 -1.88
N VAL A 143 16.78 11.13 -1.94
CA VAL A 143 15.55 10.62 -1.35
C VAL A 143 15.12 9.33 -2.06
N VAL A 144 15.01 9.36 -3.38
CA VAL A 144 14.58 8.19 -4.13
C VAL A 144 15.53 7.02 -3.90
N THR A 145 16.82 7.29 -4.01
CA THR A 145 17.83 6.25 -3.84
C THR A 145 17.80 5.60 -2.48
N PHE A 146 17.78 6.43 -1.44
CA PHE A 146 17.73 5.90 -0.08
C PHE A 146 16.44 5.10 0.14
N THR A 147 15.32 5.63 -0.36
CA THR A 147 14.02 4.94 -0.20
C THR A 147 14.04 3.54 -0.83
N LEU A 148 14.55 3.47 -2.05
CA LEU A 148 14.67 2.20 -2.78
C LEU A 148 15.65 1.27 -2.01
N GLN A 149 16.75 1.83 -1.51
CA GLN A 149 17.70 1.04 -0.74
C GLN A 149 16.99 0.39 0.45
N GLN A 150 16.14 1.15 1.13
CA GLN A 150 15.43 0.58 2.28
C GLN A 150 14.39 -0.44 1.81
N LEU A 151 13.59 -0.03 0.83
CA LEU A 151 12.55 -0.90 0.31
C LEU A 151 13.09 -2.22 -0.21
N ASN A 152 14.23 -2.17 -0.88
CA ASN A 152 14.80 -3.39 -1.42
C ASN A 152 15.71 -4.13 -0.45
N ALA A 153 15.90 -3.61 0.76
CA ALA A 153 16.77 -4.27 1.73
C ALA A 153 16.05 -5.31 2.57
N TYR A 154 15.12 -4.83 3.38
CA TYR A 154 14.35 -5.68 4.29
C TYR A 154 13.31 -6.62 3.72
N ASN A 155 13.14 -7.73 4.45
CA ASN A 155 12.21 -8.80 4.11
C ASN A 155 10.77 -8.34 4.20
N ARG A 156 10.52 -7.28 4.95
CA ARG A 156 9.14 -6.81 5.02
C ARG A 156 8.71 -6.14 3.73
N THR A 157 9.33 -5.00 3.47
CA THR A 157 9.02 -4.25 2.26
C THR A 157 9.25 -5.04 0.96
N ARG A 158 9.69 -6.31 1.08
CA ARG A 158 9.89 -7.11 -0.13
C ARG A 158 8.99 -8.34 -0.17
N TYR A 159 9.36 -9.37 0.59
CA TYR A 159 8.67 -10.65 0.53
C TYR A 159 7.28 -10.68 1.16
N GLU A 160 7.11 -10.00 2.28
CA GLU A 160 5.80 -9.98 2.92
C GLU A 160 4.82 -9.24 1.97
N LEU A 161 5.30 -8.18 1.32
CA LEU A 161 4.43 -7.43 0.41
C LEU A 161 4.09 -8.26 -0.84
N ARG A 162 5.08 -8.99 -1.35
CA ARG A 162 4.85 -9.85 -2.50
C ARG A 162 3.79 -10.88 -2.12
N GLU A 163 3.91 -11.43 -0.93
CA GLU A 163 2.94 -12.42 -0.47
C GLU A 163 1.54 -11.78 -0.30
N PHE A 164 1.50 -10.59 0.25
CA PHE A 164 0.20 -9.93 0.39
C PHE A 164 -0.51 -9.77 -0.97
N LEU A 165 0.23 -9.30 -1.99
CA LEU A 165 -0.35 -9.11 -3.30
C LEU A 165 -0.62 -10.38 -4.09
N GLU A 166 0.35 -11.27 -4.18
CA GLU A 166 0.22 -12.49 -5.00
C GLU A 166 -0.61 -13.60 -4.40
N ASP A 167 -0.59 -13.68 -3.08
CA ASP A 167 -1.30 -14.74 -2.38
C ASP A 167 -2.53 -14.24 -1.65
N THR A 168 -2.35 -13.39 -0.64
CA THR A 168 -3.49 -12.89 0.13
C THR A 168 -4.59 -12.21 -0.70
N CYS A 169 -4.19 -11.22 -1.51
CA CYS A 169 -5.14 -10.48 -2.36
C CYS A 169 -5.85 -11.41 -3.36
N VAL A 170 -5.06 -12.25 -4.01
CA VAL A 170 -5.62 -13.16 -5.00
C VAL A 170 -6.57 -14.17 -4.33
N GLN A 171 -6.16 -14.76 -3.22
CA GLN A 171 -7.04 -15.68 -2.53
C GLN A 171 -8.33 -14.94 -2.13
N TYR A 172 -8.20 -13.68 -1.72
CA TYR A 172 -9.35 -12.88 -1.33
C TYR A 172 -10.36 -12.72 -2.47
N VAL A 173 -9.85 -12.35 -3.66
CA VAL A 173 -10.70 -12.19 -4.83
C VAL A 173 -11.40 -13.52 -5.20
N GLN A 174 -10.63 -14.62 -5.22
CA GLN A 174 -11.17 -15.97 -5.54
C GLN A 174 -12.27 -16.38 -4.56
N LYS A 175 -12.11 -16.04 -3.30
CA LYS A 175 -13.13 -16.40 -2.32
C LYS A 175 -14.37 -15.51 -2.30
N HIS A 176 -14.17 -14.20 -2.37
CA HIS A 176 -15.29 -13.27 -2.26
C HIS A 176 -15.95 -12.78 -3.51
N ILE A 177 -15.39 -13.02 -4.69
CA ILE A 177 -16.05 -12.54 -5.89
C ILE A 177 -16.91 -13.63 -6.47
C1 NAG B . -11.55 5.28 -3.59
C2 NAG B . -11.63 4.65 -5.01
C3 NAG B . -11.38 5.71 -6.08
C4 NAG B . -12.27 6.94 -5.87
C5 NAG B . -12.06 7.45 -4.44
C6 NAG B . -12.82 8.72 -4.08
C7 NAG B . -10.87 2.38 -4.77
C8 NAG B . -9.80 1.33 -5.11
N2 NAG B . -10.64 3.61 -5.20
O3 NAG B . -11.63 5.13 -7.34
O4 NAG B . -11.91 7.97 -6.81
O5 NAG B . -12.43 6.42 -3.52
O6 NAG B . -14.22 8.53 -4.30
O7 NAG B . -11.86 2.07 -4.12
C1 NAG B . -12.91 8.41 -7.69
C2 NAG B . -12.53 9.77 -8.27
C3 NAG B . -13.58 10.18 -9.32
C4 NAG B . -13.68 9.08 -10.39
C5 NAG B . -14.07 7.78 -9.69
C6 NAG B . -14.21 6.63 -10.66
C7 NAG B . -11.31 11.11 -6.67
C8 NAG B . -11.33 11.62 -5.23
N2 NAG B . -12.48 10.78 -7.22
O3 NAG B . -13.23 11.42 -9.91
O4 NAG B . -14.67 9.42 -11.35
O5 NAG B . -13.05 7.43 -8.73
O6 NAG B . -12.94 6.11 -11.03
O7 NAG B . -10.23 11.05 -7.28
C1 NAG C . -11.59 7.67 17.34
C2 NAG C . -11.39 7.42 18.84
C3 NAG C . -12.48 6.48 19.37
C4 NAG C . -13.81 6.74 18.64
C5 NAG C . -13.66 6.49 17.13
C6 NAG C . -14.46 7.48 16.30
C7 NAG C . -9.89 5.93 20.03
C8 NAG C . -9.76 4.50 19.55
N2 NAG C . -10.06 6.87 19.10
O3 NAG C . -12.66 6.69 20.76
O4 NAG C . -14.84 5.88 19.17
O5 NAG C . -12.27 6.58 16.71
O6 NAG C . -13.99 7.53 14.96
O7 NAG C . -9.83 6.19 21.23
C1 NDG C . -15.62 6.32 20.24
C2 NDG C . -17.11 6.20 19.88
C3 NDG C . -17.88 7.46 20.30
C4 NDG C . -17.45 7.91 21.70
C5 NDG C . -15.94 8.19 21.74
C6 NDG C . -15.25 7.56 22.93
C7 NDG C . -17.89 4.89 18.02
C8 NDG C . -19.36 5.02 17.66
O5 NDG C . -15.28 7.69 20.54
O3 NDG C . -19.28 7.19 20.30
O4 NDG C . -18.16 9.07 22.07
O6 NDG C . -15.31 8.40 24.07
O7 NDG C . -17.33 3.80 17.91
N2 NDG C . -17.27 5.98 18.46
C1 NAG D . 4.88 18.77 -1.56
C2 NAG D . 6.31 19.26 -1.31
C3 NAG D . 6.35 20.42 -0.32
C4 NAG D . 5.31 21.48 -0.65
C5 NAG D . 3.94 20.90 -0.96
C6 NAG D . 3.08 21.99 -1.56
C7 NAG D . 7.79 17.40 -1.69
C8 NAG D . 8.64 16.28 -1.09
N2 NAG D . 7.15 18.20 -0.82
O3 NAG D . 7.64 20.99 -0.34
O4 NAG D . 5.18 22.40 0.45
O5 NAG D . 4.04 19.87 -1.95
O6 NAG D . 1.72 21.80 -1.22
O7 NAG D . 7.69 17.51 -2.90
C1 NAG D . 5.65 23.67 0.17
C2 NAG D . 5.16 24.64 1.23
C3 NAG D . 5.75 26.03 0.97
C4 NAG D . 7.27 25.99 0.72
C5 NAG D . 7.68 24.86 -0.24
C6 NAG D . 9.18 24.64 -0.21
C7 NAG D . 3.00 24.54 2.27
C8 NAG D . 1.49 24.49 2.12
N2 NAG D . 3.71 24.71 1.16
O3 NAG D . 5.49 26.86 2.09
O4 NAG D . 7.70 27.24 0.19
O5 NAG D . 7.08 23.62 0.16
O6 NAG D . 9.62 24.27 1.09
O7 NAG D . 3.51 24.43 3.38
C1 PTY E . 3.01 -6.48 5.17
C2 PTY E . 3.03 -12.14 4.31
C3 PTY E . 1.68 -11.43 4.12
O4 PTY E . 3.55 -5.17 5.50
C5 PTY E . 1.27 -8.02 6.24
C6 PTY E . 1.55 -6.62 5.64
O7 PTY E . 0.70 -6.42 4.48
C8 PTY E . -0.49 -5.73 4.57
O10 PTY E . -1.43 -6.01 5.31
C11 PTY E . -0.51 -4.56 3.61
C12 PTY E . -1.89 -3.94 3.42
C13 PTY E . -1.95 -3.03 2.19
C14 PTY E . -2.13 -1.57 2.56
C15 PTY E . -3.08 -0.82 1.64
C16 PTY E . -4.42 -0.55 2.32
C17 PTY E . -4.91 0.87 2.08
C18 PTY E . -6.31 0.90 1.49
C19 PTY E . -7.38 1.04 2.58
C20 PTY E . -8.58 0.15 2.34
C21 PTY E . -9.04 -0.51 3.65
C22 PTY E . -8.52 -1.96 3.81
C23 PTY E . -8.61 -2.81 2.54
C24 PTY E . -8.18 -4.25 2.80
C25 PTY E . -9.32 -5.23 2.54
C26 PTY E . -8.91 -6.36 1.59
C27 PTY E . -7.79 -7.24 2.14
C28 PTY E . -7.43 -8.34 1.14
C29 PTY E . -6.31 -9.20 1.68
C30 PTY E . 4.37 -4.53 4.57
C31 PTY E . 5.07 -3.30 5.15
O30 PTY E . 4.52 -4.88 3.40
C32 PTY E . 5.71 -2.35 4.09
C33 PTY E . 5.51 -0.85 4.41
C34 PTY E . 6.15 0.12 3.37
C35 PTY E . 5.44 0.19 2.00
C36 PTY E . 6.24 1.04 0.98
C37 PTY E . 5.40 1.92 0.07
C38 PTY E . 5.55 3.45 0.31
C39 PTY E . 6.96 4.06 0.07
C40 PTY E . 7.16 5.28 1.02
C41 PTY E . 8.32 6.22 0.66
C42 PTY E . 8.24 7.56 1.44
C43 PTY E . 9.39 8.53 1.14
C44 PTY E . 8.90 9.86 0.53
P1 PTY E . -0.18 -10.20 5.66
O11 PTY E . 1.11 -11.16 5.43
O12 PTY E . -1.26 -10.60 4.62
O13 PTY E . -0.77 -10.36 7.16
O14 PTY E . 0.28 -8.68 5.42
N1 PTY E . 2.78 -13.23 5.06
#